data_2EFJ
#
_entry.id   2EFJ
#
_cell.length_a   50.160
_cell.length_b   105.630
_cell.length_c   140.950
_cell.angle_alpha   90.00
_cell.angle_beta   90.00
_cell.angle_gamma   90.00
#
_symmetry.space_group_name_H-M   'C 2 2 21'
#
loop_
_entity.id
_entity.type
_entity.pdbx_description
1 polymer '3,7-dimethylxanthine methyltransferase'
2 non-polymer S-ADENOSYL-L-HOMOCYSTEINE
3 non-polymer THEOBROMINE
4 water water
#
_entity_poly.entity_id   1
_entity_poly.type   'polypeptide(L)'
_entity_poly.pdbx_seq_one_letter_code
;MELQEVLHMNGGEGDTSYAKNSSYNLFLIRVKPVLEQCIQELLRANLPNINKCFKVGDLGCASGPNTFSTVRDIVQSIDK
VGQEKKNELERPTIQIFLNDLFQNDFNSVFKLLPSFYRNLEKENGRKIGSCLIGAMPGSFYSRLFPEESMHFLHSCYCLH
WLSQVPSGLVTELGISVNKGCIYSSKASRPPIQKAYLDQFTKDFTTFLRIHSEELISRGRMLLTFICKEDEFDHPNSMDL
LEMSINDLVIEGHLEEEKLDSFNVPIYAPSTEEVKRIVEEEGSFEILYLETFNAPYDAGFSIDDDYQGRSHSPVSCDEHA
RAAHVASVVRSIYEPILASHFGEAILPDLSHRIAKNAAKVLRSGKGFYDSVIISLAKKPEKADM
;
_entity_poly.pdbx_strand_id   A
#
loop_
_chem_comp.id
_chem_comp.type
_chem_comp.name
_chem_comp.formula
37T non-polymer THEOBROMINE 'C7 H8 N4 O2'
#
# COMPACT_ATOMS: atom_id res chain seq x y z
N LEU A 3 -9.43 -7.73 -11.54
CA LEU A 3 -9.36 -6.48 -10.72
C LEU A 3 -8.39 -5.48 -11.33
N GLN A 4 -7.45 -5.99 -12.13
CA GLN A 4 -6.50 -5.16 -12.89
C GLN A 4 -7.19 -3.95 -13.51
N GLU A 5 -8.42 -4.14 -13.97
CA GLU A 5 -9.20 -3.07 -14.59
C GLU A 5 -10.38 -2.55 -13.76
N VAL A 6 -10.40 -2.91 -12.48
CA VAL A 6 -11.46 -2.52 -11.55
C VAL A 6 -10.88 -1.83 -10.31
N LEU A 7 -9.77 -2.36 -9.79
CA LEU A 7 -9.17 -1.87 -8.55
C LEU A 7 -8.43 -0.54 -8.72
N HIS A 8 -8.72 0.36 -7.80
CA HIS A 8 -8.06 1.65 -7.69
C HIS A 8 -8.57 2.31 -6.43
N MET A 9 -7.77 3.22 -5.87
CA MET A 9 -8.20 4.03 -4.74
C MET A 9 -9.23 5.06 -5.22
N ASN A 10 -10.01 5.60 -4.30
CA ASN A 10 -11.02 6.63 -4.60
C ASN A 10 -10.37 7.84 -5.28
N GLY A 11 -10.83 8.19 -6.48
CA GLY A 11 -10.23 9.26 -7.28
C GLY A 11 -10.47 10.65 -6.71
N THR A 16 -14.99 10.70 0.17
CA THR A 16 -14.14 11.55 -0.69
C THR A 16 -12.85 10.83 -1.12
N SER A 17 -12.00 11.58 -1.84
CA SER A 17 -10.84 11.01 -2.55
C SER A 17 -9.74 10.46 -1.64
N TYR A 18 -8.96 9.54 -2.20
CA TYR A 18 -7.75 9.04 -1.57
C TYR A 18 -6.74 10.19 -1.40
N ALA A 19 -6.67 11.07 -2.40
CA ALA A 19 -5.83 12.27 -2.35
C ALA A 19 -6.08 13.16 -1.11
N LYS A 20 -7.35 13.48 -0.86
CA LYS A 20 -7.71 14.38 0.25
C LYS A 20 -7.51 13.75 1.63
N ASN A 21 -7.67 12.43 1.72
CA ASN A 21 -7.63 11.70 2.99
C ASN A 21 -6.28 11.04 3.35
N SER A 22 -5.38 10.99 2.36
CA SER A 22 -4.01 10.44 2.50
CA SER A 22 -4.03 10.41 2.53
C SER A 22 -3.14 11.29 3.42
N SER A 23 -2.04 10.71 3.89
CA SER A 23 -1.12 11.46 4.72
C SER A 23 0.24 10.83 4.72
N TYR A 24 1.24 11.70 4.63
CA TYR A 24 2.62 11.32 4.75
C TYR A 24 2.85 10.68 6.12
N ASN A 25 2.13 11.19 7.13
CA ASN A 25 2.31 10.84 8.53
C ASN A 25 1.88 9.44 8.94
N LEU A 26 1.31 8.68 8.01
CA LEU A 26 0.79 7.38 8.38
C LEU A 26 1.86 6.31 8.20
N PHE A 27 2.31 6.12 6.96
CA PHE A 27 3.33 5.10 6.69
C PHE A 27 4.63 5.69 6.12
N LEU A 28 4.52 6.65 5.21
CA LEU A 28 5.72 7.20 4.53
C LEU A 28 6.81 7.76 5.45
N ILE A 29 6.44 8.47 6.52
CA ILE A 29 7.47 8.91 7.50
C ILE A 29 8.25 7.75 8.15
N ARG A 30 7.62 6.60 8.29
CA ARG A 30 8.30 5.43 8.84
C ARG A 30 9.21 4.79 7.78
N VAL A 31 8.78 4.87 6.52
CA VAL A 31 9.53 4.36 5.37
C VAL A 31 10.77 5.21 5.09
N LYS A 32 10.60 6.53 5.13
CA LYS A 32 11.64 7.52 4.81
C LYS A 32 13.07 7.18 5.29
N PRO A 33 13.29 6.99 6.61
CA PRO A 33 14.66 6.68 7.01
C PRO A 33 15.23 5.40 6.36
N VAL A 34 14.38 4.40 6.16
CA VAL A 34 14.80 3.13 5.58
C VAL A 34 15.07 3.32 4.07
N LEU A 35 14.27 4.15 3.44
CA LEU A 35 14.41 4.52 2.07
C LEU A 35 15.72 5.24 1.88
N GLU A 36 16.02 6.14 2.80
CA GLU A 36 17.20 6.96 2.72
C GLU A 36 18.46 6.11 2.79
N GLN A 37 18.47 5.15 3.69
CA GLN A 37 19.62 4.27 3.94
C GLN A 37 19.79 3.35 2.75
N CYS A 38 18.66 2.86 2.23
CA CYS A 38 18.67 1.97 1.07
C CYS A 38 19.32 2.66 -0.14
N ILE A 39 18.84 3.86 -0.47
CA ILE A 39 19.36 4.61 -1.60
C ILE A 39 20.86 4.98 -1.46
N GLN A 40 21.26 5.48 -0.30
CA GLN A 40 22.68 5.77 0.00
C GLN A 40 23.60 4.56 -0.14
N GLU A 41 23.09 3.39 0.27
CA GLU A 41 23.83 2.13 0.15
C GLU A 41 23.98 1.73 -1.31
N LEU A 42 22.93 2.00 -2.10
CA LEU A 42 22.96 1.75 -3.53
C LEU A 42 24.01 2.55 -4.29
N LEU A 43 24.09 3.85 -4.00
CA LEU A 43 25.09 4.72 -4.63
C LEU A 43 26.51 4.26 -4.29
N ARG A 44 26.69 3.83 -3.03
CA ARG A 44 27.97 3.36 -2.53
C ARG A 44 28.39 2.02 -3.13
N ALA A 45 27.40 1.20 -3.47
CA ALA A 45 27.60 -0.10 -4.14
C ALA A 45 28.05 0.01 -5.61
N ASN A 46 27.96 1.22 -6.17
CA ASN A 46 28.47 1.51 -7.51
C ASN A 46 27.86 0.60 -8.60
N LEU A 47 26.54 0.43 -8.61
CA LEU A 47 25.89 -0.37 -9.64
C LEU A 47 26.17 0.18 -11.04
N PRO A 48 26.24 -0.63 -12.09
CA PRO A 48 26.57 -0.05 -13.39
C PRO A 48 25.66 1.12 -13.78
N ASN A 49 26.27 2.20 -14.22
CA ASN A 49 25.55 3.39 -14.70
C ASN A 49 24.79 4.25 -13.66
N ILE A 50 24.75 3.82 -12.41
CA ILE A 50 23.99 4.53 -11.38
C ILE A 50 24.41 6.01 -11.15
N ASN A 51 25.67 6.33 -11.39
CA ASN A 51 26.12 7.71 -11.27
C ASN A 51 25.95 8.53 -12.56
N LYS A 52 25.47 7.88 -13.62
CA LYS A 52 25.03 8.58 -14.84
C LYS A 52 23.52 8.79 -14.72
N CYS A 53 22.78 7.68 -14.69
CA CYS A 53 21.33 7.71 -14.53
C CYS A 53 20.81 6.68 -13.52
N PHE A 54 20.19 7.19 -12.46
CA PHE A 54 19.59 6.38 -11.39
C PHE A 54 18.15 6.07 -11.78
N LYS A 55 17.89 4.81 -12.18
CA LYS A 55 16.54 4.44 -12.65
C LYS A 55 15.72 3.80 -11.55
N VAL A 56 14.52 4.39 -11.27
CA VAL A 56 13.70 4.03 -10.12
C VAL A 56 12.25 3.86 -10.56
N GLY A 57 11.56 2.86 -10.01
CA GLY A 57 10.12 2.64 -10.23
C GLY A 57 9.36 2.74 -8.91
N ASP A 58 8.21 3.43 -8.90
CA ASP A 58 7.29 3.41 -7.74
C ASP A 58 6.06 2.60 -8.14
N LEU A 59 5.90 1.44 -7.49
CA LEU A 59 4.97 0.43 -7.92
C LEU A 59 3.75 0.54 -7.03
N GLY A 60 2.69 1.09 -7.59
CA GLY A 60 1.40 1.36 -6.90
C GLY A 60 1.42 2.78 -6.34
N CYS A 61 1.77 3.73 -7.20
CA CYS A 61 1.95 5.12 -6.80
C CYS A 61 0.66 5.80 -6.40
N ALA A 62 -0.47 5.28 -6.91
CA ALA A 62 -1.79 5.93 -6.78
C ALA A 62 -1.76 7.35 -7.34
N SER A 63 -2.40 8.27 -6.63
CA SER A 63 -2.36 9.71 -6.91
C SER A 63 -2.39 10.45 -5.58
N GLY A 64 -2.29 11.77 -5.66
CA GLY A 64 -2.40 12.62 -4.49
C GLY A 64 -1.04 13.03 -3.97
N PRO A 65 -1.03 13.71 -2.81
CA PRO A 65 0.23 14.18 -2.24
C PRO A 65 1.25 13.07 -2.05
N ASN A 66 0.82 11.89 -1.61
CA ASN A 66 1.72 10.77 -1.39
C ASN A 66 2.58 10.39 -2.59
N THR A 67 2.01 10.49 -3.80
CA THR A 67 2.76 10.23 -5.05
C THR A 67 3.98 11.15 -5.15
N PHE A 68 3.72 12.46 -5.05
CA PHE A 68 4.75 13.48 -5.01
C PHE A 68 5.66 13.42 -3.79
N SER A 69 5.10 13.07 -2.62
CA SER A 69 5.93 12.93 -1.43
C SER A 69 6.94 11.79 -1.56
N THR A 70 6.52 10.68 -2.16
CA THR A 70 7.43 9.57 -2.41
C THR A 70 8.55 9.98 -3.39
N VAL A 71 8.19 10.63 -4.49
CA VAL A 71 9.21 11.15 -5.45
C VAL A 71 10.20 12.08 -4.76
N ARG A 72 9.67 13.06 -4.03
CA ARG A 72 10.50 13.97 -3.24
C ARG A 72 11.47 13.23 -2.32
N ASP A 73 10.95 12.30 -1.51
CA ASP A 73 11.82 11.47 -0.67
C ASP A 73 12.93 10.75 -1.46
N ILE A 74 12.57 10.16 -2.61
CA ILE A 74 13.58 9.51 -3.47
C ILE A 74 14.66 10.51 -3.91
N VAL A 75 14.21 11.62 -4.47
CA VAL A 75 15.09 12.65 -5.03
C VAL A 75 16.02 13.24 -3.95
N GLN A 76 15.46 13.60 -2.80
CA GLN A 76 16.26 14.12 -1.69
C GLN A 76 17.24 13.06 -1.18
N SER A 77 16.82 11.79 -1.12
CA SER A 77 17.72 10.70 -0.72
C SER A 77 18.93 10.59 -1.65
N ILE A 78 18.68 10.64 -2.95
CA ILE A 78 19.74 10.58 -3.98
C ILE A 78 20.71 11.76 -3.85
N ASP A 79 20.18 12.95 -3.56
CA ASP A 79 20.98 14.18 -3.48
C ASP A 79 21.56 14.53 -2.09
N LYS A 80 21.44 13.61 -1.13
CA LYS A 80 21.87 13.85 0.25
C LYS A 80 23.39 13.89 0.44
N VAL A 81 23.89 14.99 1.00
CA VAL A 81 25.34 15.18 1.24
C VAL A 81 25.77 14.85 2.68
N PRO A 92 24.02 12.97 -11.18
CA PRO A 92 23.16 11.85 -11.62
C PRO A 92 21.80 12.30 -12.12
N THR A 93 21.45 11.90 -13.34
CA THR A 93 20.08 12.05 -13.82
C THR A 93 19.20 11.07 -13.07
N ILE A 94 17.95 11.45 -12.79
CA ILE A 94 17.01 10.56 -12.15
C ILE A 94 15.87 10.26 -13.12
N GLN A 95 15.64 8.99 -13.41
CA GLN A 95 14.51 8.60 -14.24
C GLN A 95 13.53 7.78 -13.40
N ILE A 96 12.37 8.38 -13.14
CA ILE A 96 11.34 7.78 -12.29
C ILE A 96 10.15 7.29 -13.13
N PHE A 97 9.80 6.02 -12.97
CA PHE A 97 8.61 5.47 -13.59
C PHE A 97 7.54 5.26 -12.54
N LEU A 98 6.44 5.98 -12.67
CA LEU A 98 5.31 5.80 -11.76
C LEU A 98 4.40 4.70 -12.30
N ASN A 99 4.14 3.68 -11.49
CA ASN A 99 3.32 2.58 -11.97
C ASN A 99 2.07 2.48 -11.13
N ASP A 100 0.97 2.28 -11.82
CA ASP A 100 -0.28 1.88 -11.15
C ASP A 100 -1.19 1.23 -12.19
N LEU A 101 -2.37 0.77 -11.75
CA LEU A 101 -3.33 0.11 -12.64
C LEU A 101 -3.78 1.07 -13.78
N PHE A 102 -4.23 0.50 -14.91
CA PHE A 102 -4.55 1.27 -16.15
C PHE A 102 -5.64 2.39 -16.06
N GLN A 103 -6.43 2.38 -15.00
CA GLN A 103 -7.49 3.38 -14.74
C GLN A 103 -7.17 4.22 -13.50
N ASN A 104 -5.88 4.28 -13.15
CA ASN A 104 -5.44 5.21 -12.12
C ASN A 104 -5.50 6.58 -12.73
N ASP A 105 -5.61 7.58 -11.87
CA ASP A 105 -5.72 8.96 -12.30
C ASP A 105 -4.33 9.53 -12.56
N PHE A 106 -3.76 9.19 -13.72
CA PHE A 106 -2.43 9.69 -14.14
C PHE A 106 -2.48 11.15 -14.61
N ASN A 107 -3.55 11.50 -15.33
CA ASN A 107 -3.74 12.84 -15.89
C ASN A 107 -3.56 13.97 -14.87
N SER A 108 -3.97 13.70 -13.64
CA SER A 108 -3.91 14.69 -12.58
C SER A 108 -2.51 14.83 -11.99
N VAL A 109 -1.76 13.72 -11.97
CA VAL A 109 -0.37 13.74 -11.57
C VAL A 109 0.43 14.57 -12.57
N PHE A 110 0.20 14.34 -13.86
CA PHE A 110 0.96 14.94 -14.95
C PHE A 110 0.73 16.45 -15.01
N LYS A 111 -0.46 16.86 -14.61
CA LYS A 111 -0.83 18.26 -14.65
C LYS A 111 -0.15 19.04 -13.52
N LEU A 112 0.18 18.34 -12.45
CA LEU A 112 0.94 18.90 -11.34
C LEU A 112 2.45 18.83 -11.55
N LEU A 113 2.90 18.14 -12.59
CA LEU A 113 4.33 18.05 -12.85
C LEU A 113 5.05 19.38 -13.16
N PRO A 114 4.45 20.30 -13.94
CA PRO A 114 5.17 21.55 -14.21
C PRO A 114 5.53 22.31 -12.91
N SER A 115 4.61 22.39 -11.97
CA SER A 115 4.89 23.09 -10.70
C SER A 115 5.81 22.26 -9.80
N PHE A 116 5.56 20.95 -9.73
CA PHE A 116 6.52 20.04 -9.08
C PHE A 116 7.96 20.26 -9.54
N TYR A 117 8.19 20.33 -10.85
CA TYR A 117 9.53 20.53 -11.41
C TYR A 117 10.17 21.87 -11.02
N ARG A 118 9.37 22.93 -11.06
CA ARG A 118 9.81 24.27 -10.65
C ARG A 118 10.15 24.34 -9.16
N ASN A 119 9.30 23.70 -8.35
CA ASN A 119 9.50 23.65 -6.90
C ASN A 119 10.72 22.78 -6.55
N LEU A 120 10.97 21.76 -7.37
CA LEU A 120 12.18 20.94 -7.27
C LEU A 120 13.44 21.77 -7.54
N GLU A 121 13.34 22.69 -8.50
CA GLU A 121 14.46 23.58 -8.85
C GLU A 121 14.63 24.72 -7.86
N LYS A 122 13.52 25.18 -7.28
CA LYS A 122 13.60 26.22 -6.23
C LYS A 122 14.10 25.63 -4.92
N GLU A 123 13.67 24.41 -4.60
CA GLU A 123 14.13 23.70 -3.40
C GLU A 123 15.59 23.23 -3.48
N ASN A 124 15.91 22.33 -4.42
CA ASN A 124 17.22 21.66 -4.44
C ASN A 124 18.28 22.24 -5.40
N GLY A 125 17.84 23.00 -6.40
CA GLY A 125 18.72 23.41 -7.48
C GLY A 125 18.68 22.44 -8.64
N ARG A 126 18.19 21.22 -8.39
CA ARG A 126 17.93 20.24 -9.46
C ARG A 126 17.42 20.93 -10.70
N LYS A 127 18.33 21.12 -11.67
CA LYS A 127 17.99 21.72 -12.95
C LYS A 127 16.83 20.94 -13.59
N ILE A 128 16.01 21.63 -14.38
CA ILE A 128 14.87 20.94 -14.98
C ILE A 128 15.34 20.09 -16.18
N GLY A 129 14.94 18.82 -16.18
CA GLY A 129 15.50 17.87 -17.13
C GLY A 129 16.48 16.90 -16.49
N SER A 130 16.84 17.14 -15.24
CA SER A 130 17.73 16.21 -14.54
C SER A 130 16.95 15.18 -13.70
N CYS A 131 15.65 15.43 -13.53
CA CYS A 131 14.72 14.50 -12.93
C CYS A 131 13.57 14.29 -13.92
N LEU A 132 13.48 13.08 -14.46
CA LEU A 132 12.59 12.74 -15.57
C LEU A 132 11.50 11.82 -15.05
N ILE A 133 10.27 12.35 -14.92
CA ILE A 133 9.17 11.57 -14.37
C ILE A 133 8.20 11.13 -15.45
N GLY A 134 8.11 9.82 -15.65
CA GLY A 134 7.10 9.27 -16.55
C GLY A 134 6.25 8.22 -15.88
N ALA A 135 5.48 7.50 -16.67
CA ALA A 135 4.58 6.51 -16.12
C ALA A 135 4.63 5.23 -16.93
N MET A 136 4.48 4.11 -16.23
CA MET A 136 4.40 2.81 -16.84
C MET A 136 3.18 2.09 -16.21
N PRO A 137 2.01 2.20 -16.86
CA PRO A 137 0.81 1.62 -16.28
C PRO A 137 0.75 0.10 -16.43
N GLY A 138 0.10 -0.55 -15.48
CA GLY A 138 -0.09 -1.98 -15.56
C GLY A 138 -0.11 -2.61 -14.18
N SER A 139 -0.32 -3.91 -14.14
CA SER A 139 -0.25 -4.67 -12.90
C SER A 139 1.19 -4.98 -12.52
N PHE A 140 1.56 -4.75 -11.25
CA PHE A 140 2.88 -5.17 -10.84
C PHE A 140 3.04 -6.67 -10.68
N TYR A 141 1.97 -7.42 -10.96
CA TYR A 141 2.08 -8.86 -11.06
C TYR A 141 2.44 -9.33 -12.50
N SER A 142 2.67 -8.39 -13.40
CA SER A 142 3.25 -8.68 -14.70
C SER A 142 4.51 -7.84 -14.96
N ARG A 143 5.26 -8.17 -16.01
CA ARG A 143 6.44 -7.41 -16.40
C ARG A 143 6.08 -5.96 -16.72
N LEU A 144 6.86 -5.02 -16.19
CA LEU A 144 6.73 -3.58 -16.42
C LEU A 144 7.93 -2.94 -17.13
N PHE A 145 9.10 -3.58 -17.01
CA PHE A 145 10.39 -2.96 -17.38
C PHE A 145 11.24 -3.93 -18.12
N PRO A 146 12.08 -3.44 -19.04
CA PRO A 146 13.04 -4.36 -19.69
C PRO A 146 13.97 -5.05 -18.68
N GLU A 147 14.49 -6.20 -19.10
CA GLU A 147 15.42 -6.99 -18.29
C GLU A 147 16.66 -6.18 -17.89
N GLU A 148 17.02 -6.30 -16.62
CA GLU A 148 18.23 -5.68 -16.06
C GLU A 148 18.33 -4.20 -16.42
N SER A 149 17.27 -3.47 -16.18
CA SER A 149 17.19 -2.06 -16.55
C SER A 149 16.99 -1.10 -15.36
N MET A 150 16.67 -1.63 -14.19
CA MET A 150 16.25 -0.75 -13.10
C MET A 150 17.21 -0.87 -11.92
N HIS A 151 17.46 0.24 -11.22
CA HIS A 151 18.30 0.20 -10.02
C HIS A 151 17.51 -0.09 -8.74
N PHE A 152 16.28 0.44 -8.67
CA PHE A 152 15.57 0.44 -7.41
C PHE A 152 14.06 0.49 -7.64
N LEU A 153 13.32 -0.38 -6.93
CA LEU A 153 11.86 -0.44 -7.01
C LEU A 153 11.31 -0.22 -5.61
N HIS A 154 10.30 0.62 -5.51
CA HIS A 154 9.74 0.98 -4.23
C HIS A 154 8.24 0.71 -4.34
N SER A 155 7.63 0.18 -3.29
CA SER A 155 6.16 0.10 -3.22
C SER A 155 5.73 0.27 -1.78
N CYS A 156 4.77 1.17 -1.53
CA CYS A 156 4.27 1.34 -0.17
C CYS A 156 2.78 1.13 -0.14
N TYR A 157 2.35 0.10 0.58
CA TYR A 157 0.95 -0.16 0.86
C TYR A 157 0.10 -0.66 -0.30
N CYS A 158 0.71 -1.56 -1.07
CA CYS A 158 0.10 -2.09 -2.27
C CYS A 158 0.08 -3.60 -2.32
N LEU A 159 1.15 -4.23 -1.86
CA LEU A 159 1.34 -5.68 -2.04
C LEU A 159 0.39 -6.59 -1.27
N HIS A 160 -0.37 -6.04 -0.33
CA HIS A 160 -1.45 -6.81 0.30
C HIS A 160 -2.65 -7.01 -0.62
N TRP A 161 -2.79 -6.16 -1.63
CA TRP A 161 -3.79 -6.36 -2.70
C TRP A 161 -3.38 -7.55 -3.58
N LEU A 162 -4.23 -8.57 -3.66
CA LEU A 162 -3.98 -9.77 -4.48
C LEU A 162 -4.31 -9.54 -5.96
N SER A 163 -3.78 -10.40 -6.83
CA SER A 163 -4.14 -10.35 -8.27
C SER A 163 -5.60 -10.74 -8.55
N GLN A 164 -6.20 -11.47 -7.61
CA GLN A 164 -7.61 -11.86 -7.72
C GLN A 164 -8.19 -12.29 -6.36
N VAL A 165 -9.51 -12.45 -6.28
CA VAL A 165 -10.09 -13.11 -5.11
C VAL A 165 -9.55 -14.55 -5.12
N PRO A 166 -9.06 -15.02 -3.95
CA PRO A 166 -8.43 -16.33 -3.88
C PRO A 166 -9.12 -17.43 -4.66
N SER A 167 -8.33 -18.13 -5.47
CA SER A 167 -8.89 -19.09 -6.43
C SER A 167 -9.48 -20.34 -5.77
N GLY A 168 -9.70 -20.25 -4.45
CA GLY A 168 -10.52 -21.20 -3.69
C GLY A 168 -11.98 -20.77 -3.61
N ILE A 175 -16.65 -18.12 -5.08
CA ILE A 175 -17.85 -18.94 -5.00
C ILE A 175 -18.04 -19.61 -3.64
N SER A 176 -16.96 -20.10 -3.03
CA SER A 176 -17.06 -20.73 -1.71
C SER A 176 -17.50 -19.70 -0.64
N VAL A 177 -18.20 -20.17 0.39
CA VAL A 177 -18.76 -19.27 1.40
C VAL A 177 -17.81 -18.97 2.59
N ASN A 178 -17.39 -17.70 2.64
CA ASN A 178 -16.71 -17.11 3.79
C ASN A 178 -17.76 -16.40 4.67
N LYS A 179 -18.42 -17.15 5.56
CA LYS A 179 -19.54 -16.66 6.39
C LYS A 179 -19.13 -15.60 7.40
N GLY A 180 -19.80 -14.45 7.35
CA GLY A 180 -19.60 -13.35 8.29
C GLY A 180 -18.29 -12.59 8.17
N CYS A 181 -17.53 -12.90 7.10
CA CYS A 181 -16.18 -12.40 6.91
C CYS A 181 -15.97 -11.87 5.48
N ILE A 182 -14.98 -10.99 5.29
CA ILE A 182 -14.72 -10.44 3.96
C ILE A 182 -13.34 -10.82 3.41
N TYR A 183 -12.51 -11.40 4.29
CA TYR A 183 -11.17 -11.88 3.91
C TYR A 183 -10.72 -12.91 4.97
N SER A 184 -9.46 -13.28 4.94
CA SER A 184 -8.89 -14.19 5.91
C SER A 184 -8.70 -13.51 7.27
N SER A 185 -9.78 -13.03 7.87
CA SER A 185 -9.65 -12.39 9.18
C SER A 185 -9.35 -13.48 10.21
N LYS A 186 -9.02 -13.05 11.44
CA LYS A 186 -8.80 -13.98 12.55
C LYS A 186 -10.01 -14.87 12.84
N ALA A 187 -11.20 -14.33 12.61
CA ALA A 187 -12.44 -15.08 12.77
C ALA A 187 -12.82 -15.98 11.57
N SER A 188 -12.12 -15.88 10.44
CA SER A 188 -12.42 -16.73 9.28
C SER A 188 -11.95 -18.18 9.51
N ARG A 189 -12.67 -19.14 8.91
CA ARG A 189 -12.35 -20.56 9.07
C ARG A 189 -11.04 -20.93 8.36
N PRO A 190 -10.34 -21.99 8.86
CA PRO A 190 -9.05 -22.29 8.24
C PRO A 190 -8.99 -22.59 6.72
N PRO A 191 -10.04 -23.16 6.09
CA PRO A 191 -9.88 -23.32 4.63
C PRO A 191 -9.79 -21.96 3.89
N ILE A 192 -10.43 -20.94 4.49
CA ILE A 192 -10.36 -19.57 3.96
C ILE A 192 -8.97 -19.00 4.14
N GLN A 193 -8.45 -19.13 5.35
CA GLN A 193 -7.11 -18.69 5.68
C GLN A 193 -6.10 -19.33 4.73
N LYS A 194 -6.23 -20.63 4.49
CA LYS A 194 -5.28 -21.33 3.58
C LYS A 194 -5.44 -20.88 2.13
N ALA A 195 -6.68 -20.70 1.68
CA ALA A 195 -6.96 -20.16 0.34
C ALA A 195 -6.33 -18.77 0.13
N TYR A 196 -6.48 -17.88 1.10
CA TYR A 196 -5.87 -16.54 1.02
C TYR A 196 -4.33 -16.56 1.06
N LEU A 197 -3.75 -17.38 1.95
CA LEU A 197 -2.28 -17.53 2.02
C LEU A 197 -1.72 -18.07 0.71
N ASP A 198 -2.31 -19.15 0.19
CA ASP A 198 -1.88 -19.73 -1.08
C ASP A 198 -1.95 -18.72 -2.22
N GLN A 199 -2.97 -17.87 -2.24
CA GLN A 199 -3.06 -16.80 -3.26
C GLN A 199 -1.93 -15.78 -3.11
N PHE A 200 -1.73 -15.26 -1.89
CA PHE A 200 -0.58 -14.37 -1.59
C PHE A 200 0.78 -14.94 -1.99
N THR A 201 0.98 -16.22 -1.69
CA THR A 201 2.20 -16.97 -2.05
C THR A 201 2.44 -16.97 -3.54
N LYS A 202 1.39 -17.29 -4.32
CA LYS A 202 1.45 -17.27 -5.78
C LYS A 202 1.83 -15.88 -6.25
N ASP A 203 1.05 -14.90 -5.80
CA ASP A 203 1.17 -13.49 -6.20
C ASP A 203 2.54 -12.88 -5.88
N PHE A 204 2.95 -13.00 -4.62
CA PHE A 204 4.23 -12.48 -4.12
C PHE A 204 5.45 -13.17 -4.74
N THR A 205 5.37 -14.48 -4.94
CA THR A 205 6.41 -15.22 -5.63
C THR A 205 6.58 -14.68 -7.08
N THR A 206 5.46 -14.48 -7.77
CA THR A 206 5.45 -13.91 -9.14
C THR A 206 6.04 -12.49 -9.19
N PHE A 207 5.57 -11.64 -8.28
CA PHE A 207 6.12 -10.31 -8.07
C PHE A 207 7.65 -10.36 -7.98
N LEU A 208 8.17 -11.24 -7.15
CA LEU A 208 9.59 -11.33 -6.89
C LEU A 208 10.36 -11.87 -8.11
N ARG A 209 9.82 -12.92 -8.72
CA ARG A 209 10.47 -13.52 -9.88
C ARG A 209 10.57 -12.51 -11.01
N ILE A 210 9.47 -11.83 -11.30
CA ILE A 210 9.40 -10.86 -12.40
C ILE A 210 10.24 -9.61 -12.20
N HIS A 211 10.13 -9.01 -11.03
CA HIS A 211 10.89 -7.80 -10.79
C HIS A 211 12.40 -8.00 -10.56
N SER A 212 12.78 -9.14 -9.99
CA SER A 212 14.22 -9.47 -9.93
C SER A 212 14.82 -9.39 -11.32
N GLU A 213 14.11 -9.92 -12.34
CA GLU A 213 14.61 -9.90 -13.72
C GLU A 213 14.80 -8.49 -14.28
N GLU A 214 13.95 -7.56 -13.85
CA GLU A 214 14.02 -6.14 -14.25
C GLU A 214 15.17 -5.35 -13.61
N LEU A 215 15.66 -5.83 -12.48
CA LEU A 215 16.71 -5.15 -11.76
C LEU A 215 18.10 -5.43 -12.29
N ILE A 216 18.90 -4.38 -12.39
CA ILE A 216 20.35 -4.49 -12.61
C ILE A 216 20.95 -5.27 -11.44
N SER A 217 22.07 -5.92 -11.70
CA SER A 217 22.74 -6.71 -10.68
C SER A 217 22.92 -5.93 -9.36
N ARG A 218 22.56 -6.60 -8.26
CA ARG A 218 22.59 -6.05 -6.90
C ARG A 218 21.60 -4.87 -6.68
N GLY A 219 20.66 -4.71 -7.61
CA GLY A 219 19.55 -3.73 -7.49
C GLY A 219 18.64 -4.06 -6.32
N ARG A 220 17.87 -3.09 -5.84
CA ARG A 220 17.10 -3.35 -4.61
C ARG A 220 15.64 -3.02 -4.75
N MET A 221 14.84 -3.65 -3.89
CA MET A 221 13.42 -3.30 -3.71
C MET A 221 13.19 -2.92 -2.26
N LEU A 222 12.32 -1.95 -2.03
CA LEU A 222 11.89 -1.59 -0.69
C LEU A 222 10.38 -1.69 -0.69
N LEU A 223 9.82 -2.59 0.12
CA LEU A 223 8.39 -2.87 0.11
C LEU A 223 7.80 -2.69 1.47
N THR A 224 6.65 -2.03 1.53
CA THR A 224 5.92 -1.80 2.77
C THR A 224 4.45 -2.18 2.53
N PHE A 225 3.87 -2.99 3.40
CA PHE A 225 2.47 -3.41 3.23
C PHE A 225 1.92 -3.90 4.56
N ILE A 226 0.61 -4.16 4.59
CA ILE A 226 -0.05 -4.61 5.81
C ILE A 226 0.53 -5.93 6.30
N CYS A 227 0.77 -6.07 7.60
CA CYS A 227 0.99 -7.41 8.14
C CYS A 227 0.10 -7.79 9.36
N LYS A 228 0.03 -9.09 9.59
CA LYS A 228 -0.71 -9.65 10.70
C LYS A 228 0.33 -10.14 11.70
N GLU A 229 0.15 -9.72 12.94
CA GLU A 229 1.02 -10.11 14.04
C GLU A 229 0.18 -10.89 15.04
N ASP A 230 0.55 -12.15 15.24
CA ASP A 230 -0.12 -13.03 16.22
C ASP A 230 -0.13 -12.43 17.63
N GLU A 231 0.99 -11.81 18.02
CA GLU A 231 1.18 -11.29 19.38
C GLU A 231 0.32 -10.09 19.80
N PHE A 232 -0.33 -9.40 18.86
CA PHE A 232 -0.94 -8.09 19.20
C PHE A 232 -2.45 -7.99 19.44
N ASP A 233 -3.22 -8.26 18.37
CA ASP A 233 -4.69 -8.08 18.23
C ASP A 233 -5.17 -6.67 17.78
N HIS A 234 -4.51 -6.11 16.77
CA HIS A 234 -4.88 -4.81 16.21
C HIS A 234 -5.62 -4.92 14.88
N PRO A 235 -6.89 -4.44 14.84
CA PRO A 235 -7.71 -4.47 13.63
C PRO A 235 -7.14 -3.58 12.55
N ASN A 236 -6.92 -4.16 11.38
CA ASN A 236 -6.52 -3.42 10.21
C ASN A 236 -7.77 -2.81 9.54
N SER A 237 -7.60 -2.05 8.46
CA SER A 237 -8.74 -1.41 7.78
C SER A 237 -9.80 -2.39 7.26
N MET A 238 -9.38 -3.56 6.79
CA MET A 238 -10.35 -4.61 6.37
C MET A 238 -11.10 -5.11 7.58
N ASP A 239 -10.42 -5.24 8.73
CA ASP A 239 -11.12 -5.70 9.98
C ASP A 239 -12.18 -4.70 10.42
N LEU A 240 -11.85 -3.41 10.37
CA LEU A 240 -12.82 -2.34 10.68
C LEU A 240 -14.01 -2.39 9.73
N LEU A 241 -13.71 -2.62 8.45
CA LEU A 241 -14.76 -2.77 7.45
C LEU A 241 -15.62 -3.99 7.76
N GLU A 242 -14.99 -5.13 8.02
CA GLU A 242 -15.71 -6.40 8.26
C GLU A 242 -16.67 -6.27 9.45
N MET A 243 -16.18 -5.70 10.55
CA MET A 243 -17.01 -5.56 11.73
C MET A 243 -18.17 -4.59 11.50
N SER A 244 -17.97 -3.61 10.64
CA SER A 244 -18.99 -2.59 10.34
C SER A 244 -20.10 -3.11 9.38
N ILE A 245 -19.71 -3.92 8.39
CA ILE A 245 -20.69 -4.65 7.58
C ILE A 245 -21.49 -5.64 8.46
N ASN A 246 -20.81 -6.34 9.36
CA ASN A 246 -21.50 -7.20 10.36
C ASN A 246 -22.52 -6.47 11.20
N ASP A 247 -22.20 -5.27 11.67
CA ASP A 247 -23.16 -4.45 12.43
C ASP A 247 -24.45 -4.31 11.64
N LEU A 248 -24.31 -3.98 10.36
CA LEU A 248 -25.43 -3.70 9.47
C LEU A 248 -26.37 -4.88 9.19
N VAL A 249 -25.81 -6.10 9.16
CA VAL A 249 -26.65 -7.27 8.99
C VAL A 249 -27.41 -7.55 10.29
N ILE A 250 -26.68 -7.50 11.42
CA ILE A 250 -27.26 -7.66 12.77
C ILE A 250 -28.38 -6.63 13.01
N GLU A 251 -28.15 -5.40 12.56
CA GLU A 251 -29.13 -4.31 12.71
C GLU A 251 -30.33 -4.48 11.77
N GLY A 252 -30.12 -5.20 10.66
CA GLY A 252 -31.19 -5.51 9.71
C GLY A 252 -31.10 -4.74 8.40
N HIS A 253 -30.11 -3.86 8.29
CA HIS A 253 -29.96 -2.97 7.13
C HIS A 253 -29.47 -3.67 5.87
N LEU A 254 -28.88 -4.85 6.05
CA LEU A 254 -28.25 -5.60 4.99
C LEU A 254 -28.53 -7.08 5.19
N GLU A 255 -28.85 -7.79 4.12
CA GLU A 255 -29.13 -9.21 4.21
C GLU A 255 -27.80 -9.93 4.41
N GLU A 256 -27.82 -10.97 5.22
CA GLU A 256 -26.64 -11.77 5.52
C GLU A 256 -25.99 -12.31 4.24
N GLU A 257 -26.79 -12.54 3.18
CA GLU A 257 -26.23 -13.03 1.93
C GLU A 257 -25.26 -12.03 1.25
N LYS A 258 -25.53 -10.73 1.41
CA LYS A 258 -24.62 -9.72 0.86
C LYS A 258 -23.22 -9.80 1.48
N LEU A 259 -23.16 -10.02 2.79
CA LEU A 259 -21.91 -10.15 3.52
C LEU A 259 -21.23 -11.48 3.21
N ASP A 260 -22.01 -12.57 3.22
CA ASP A 260 -21.52 -13.91 2.88
C ASP A 260 -20.95 -14.04 1.45
N SER A 261 -21.45 -13.22 0.51
CA SER A 261 -20.93 -13.20 -0.86
C SER A 261 -19.76 -12.21 -1.15
N PHE A 262 -19.48 -11.31 -0.22
CA PHE A 262 -18.47 -10.26 -0.40
C PHE A 262 -17.11 -10.79 0.03
N ASN A 263 -16.17 -10.86 -0.90
CA ASN A 263 -14.79 -11.24 -0.55
C ASN A 263 -13.79 -10.26 -1.16
N VAL A 264 -12.92 -9.72 -0.32
CA VAL A 264 -11.95 -8.71 -0.79
C VAL A 264 -10.64 -9.42 -1.20
N PRO A 265 -10.06 -9.00 -2.35
CA PRO A 265 -8.80 -9.59 -2.79
C PRO A 265 -7.59 -9.00 -2.03
N ILE A 266 -7.50 -9.31 -0.75
CA ILE A 266 -6.49 -8.71 0.13
CA ILE A 266 -6.47 -8.71 0.13
C ILE A 266 -6.04 -9.73 1.18
N TYR A 267 -4.72 -9.83 1.37
CA TYR A 267 -4.21 -10.70 2.42
C TYR A 267 -3.38 -9.91 3.42
N ALA A 268 -3.45 -10.29 4.69
CA ALA A 268 -2.51 -9.74 5.68
C ALA A 268 -1.50 -10.81 6.12
N PRO A 269 -0.26 -10.82 5.56
CA PRO A 269 0.67 -11.87 5.92
C PRO A 269 1.41 -11.65 7.24
N SER A 270 1.96 -12.71 7.80
CA SER A 270 2.87 -12.61 8.92
C SER A 270 4.27 -12.36 8.33
N THR A 271 5.18 -11.89 9.16
CA THR A 271 6.57 -11.65 8.73
C THR A 271 7.25 -12.97 8.40
N GLU A 272 6.90 -14.03 9.12
CA GLU A 272 7.44 -15.36 8.85
C GLU A 272 7.01 -15.90 7.49
N GLU A 273 5.75 -15.65 7.14
CA GLU A 273 5.20 -15.95 5.81
C GLU A 273 5.88 -15.14 4.72
N VAL A 274 6.08 -13.84 4.97
CA VAL A 274 6.82 -13.01 4.03
C VAL A 274 8.22 -13.58 3.84
N LYS A 275 8.89 -13.88 4.95
CA LYS A 275 10.28 -14.38 4.94
C LYS A 275 10.42 -15.70 4.18
N ARG A 276 9.54 -16.66 4.47
CA ARG A 276 9.56 -17.97 3.78
C ARG A 276 9.39 -17.83 2.27
N ILE A 277 8.43 -16.99 1.85
CA ILE A 277 8.16 -16.76 0.41
C ILE A 277 9.41 -16.24 -0.31
N VAL A 278 10.04 -15.22 0.26
CA VAL A 278 11.27 -14.60 -0.31
C VAL A 278 12.41 -15.61 -0.43
N GLU A 279 12.62 -16.38 0.63
CA GLU A 279 13.71 -17.36 0.68
C GLU A 279 13.46 -18.51 -0.30
N GLU A 280 12.19 -18.87 -0.46
CA GLU A 280 11.74 -19.89 -1.41
C GLU A 280 11.98 -19.47 -2.86
N GLU A 281 11.55 -18.26 -3.20
CA GLU A 281 11.75 -17.64 -4.52
C GLU A 281 13.21 -17.68 -4.93
N GLY A 282 14.07 -17.30 -3.99
CA GLY A 282 15.53 -17.45 -4.16
C GLY A 282 16.22 -16.27 -4.82
N SER A 283 15.45 -15.37 -5.46
CA SER A 283 16.02 -14.23 -6.22
C SER A 283 16.68 -13.15 -5.38
N PHE A 284 16.18 -12.97 -4.16
CA PHE A 284 16.58 -11.88 -3.28
C PHE A 284 17.13 -12.28 -1.92
N GLU A 285 18.18 -11.59 -1.49
CA GLU A 285 18.63 -11.60 -0.12
C GLU A 285 17.84 -10.56 0.69
N ILE A 286 17.50 -10.87 1.93
CA ILE A 286 16.78 -9.89 2.77
C ILE A 286 17.83 -9.08 3.51
N LEU A 287 17.85 -7.76 3.29
CA LEU A 287 18.78 -6.87 4.01
C LEU A 287 18.20 -6.37 5.32
N TYR A 288 16.88 -6.18 5.32
CA TYR A 288 16.15 -5.51 6.38
C TYR A 288 14.72 -6.07 6.42
N LEU A 289 14.18 -6.33 7.60
CA LEU A 289 12.81 -6.74 7.79
C LEU A 289 12.29 -6.40 9.14
N GLU A 290 11.40 -5.45 9.22
CA GLU A 290 10.82 -5.00 10.50
CA GLU A 290 10.82 -5.00 10.50
C GLU A 290 9.31 -4.82 10.36
N THR A 291 8.62 -4.78 11.48
CA THR A 291 7.20 -4.40 11.48
C THR A 291 7.16 -3.09 12.25
N PHE A 292 6.09 -2.34 12.09
CA PHE A 292 5.85 -1.14 12.87
C PHE A 292 4.35 -0.96 12.94
N ASN A 293 3.90 -0.24 13.95
CA ASN A 293 2.48 -0.10 14.16
C ASN A 293 2.11 1.37 14.05
N ALA A 294 1.24 1.70 13.09
CA ALA A 294 0.87 3.08 12.84
C ALA A 294 -0.50 3.36 13.43
N PRO A 295 -0.61 4.37 14.32
CA PRO A 295 -1.92 4.73 14.90
C PRO A 295 -2.92 5.11 13.79
N TYR A 296 -4.23 4.84 13.97
CA TYR A 296 -5.23 5.07 12.89
C TYR A 296 -5.26 6.52 12.42
N ASP A 297 -5.16 7.44 13.37
CA ASP A 297 -5.35 8.86 13.09
C ASP A 297 -4.04 9.70 13.02
N ALA A 298 -2.92 9.06 12.68
CA ALA A 298 -1.60 9.71 12.55
C ALA A 298 -1.60 10.82 11.51
N GLY A 299 -2.44 10.66 10.49
CA GLY A 299 -2.65 11.70 9.48
C GLY A 299 -3.69 12.77 9.79
N PHE A 300 -4.14 12.87 11.04
CA PHE A 300 -5.24 13.77 11.40
C PHE A 300 -4.77 15.03 12.14
N SER A 301 -5.25 16.21 11.72
CA SER A 301 -4.93 17.46 12.41
C SER A 301 -6.15 18.22 12.96
N ILE A 302 -5.93 18.92 14.07
CA ILE A 302 -6.99 19.70 14.75
C ILE A 302 -7.15 21.11 14.17
N SER A 312 -12.98 23.55 21.85
CA SER A 312 -13.54 22.20 21.78
C SER A 312 -13.52 21.52 23.16
N PRO A 313 -14.55 20.68 23.45
CA PRO A 313 -14.49 19.77 24.59
C PRO A 313 -13.44 18.66 24.35
N VAL A 314 -13.87 17.41 24.16
CA VAL A 314 -12.95 16.31 23.86
C VAL A 314 -13.69 15.15 23.21
N SER A 315 -15.00 15.06 23.47
CA SER A 315 -15.87 14.12 22.77
C SER A 315 -16.00 14.55 21.31
N CYS A 316 -15.85 15.85 21.07
CA CYS A 316 -15.78 16.42 19.73
C CYS A 316 -14.48 16.00 19.05
N ASP A 317 -13.37 16.17 19.76
CA ASP A 317 -12.04 15.79 19.28
C ASP A 317 -12.01 14.33 18.82
N GLU A 318 -12.48 13.44 19.68
CA GLU A 318 -12.50 11.99 19.39
C GLU A 318 -13.55 11.59 18.33
N HIS A 319 -14.66 12.33 18.26
CA HIS A 319 -15.65 12.13 17.20
C HIS A 319 -14.99 12.38 15.83
N ALA A 320 -14.38 13.55 15.69
CA ALA A 320 -13.70 13.96 14.46
C ALA A 320 -12.57 13.04 14.07
N ARG A 321 -11.78 12.57 15.05
CA ARG A 321 -10.72 11.59 14.79
C ARG A 321 -11.29 10.28 14.25
N ALA A 322 -12.40 9.82 14.81
CA ALA A 322 -13.09 8.60 14.36
C ALA A 322 -13.70 8.75 12.97
N ALA A 323 -14.23 9.95 12.69
CA ALA A 323 -14.83 10.29 11.40
C ALA A 323 -13.78 10.32 10.31
N HIS A 324 -12.61 10.87 10.64
CA HIS A 324 -11.45 10.84 9.76
C HIS A 324 -11.06 9.41 9.39
N VAL A 325 -11.02 8.53 10.39
CA VAL A 325 -10.62 7.14 10.16
C VAL A 325 -11.59 6.53 9.18
N ALA A 326 -12.89 6.74 9.42
CA ALA A 326 -13.94 6.22 8.54
C ALA A 326 -13.82 6.73 7.10
N SER A 327 -13.48 8.01 6.94
CA SER A 327 -13.21 8.56 5.60
C SER A 327 -12.04 7.88 4.90
N VAL A 328 -10.96 7.67 5.63
CA VAL A 328 -9.79 6.99 5.08
C VAL A 328 -10.19 5.57 4.64
N VAL A 329 -10.87 4.83 5.52
CA VAL A 329 -11.35 3.48 5.19
C VAL A 329 -12.34 3.46 3.99
N ARG A 330 -13.27 4.40 3.95
CA ARG A 330 -14.15 4.50 2.78
C ARG A 330 -13.35 4.80 1.50
N SER A 331 -12.31 5.63 1.61
CA SER A 331 -11.54 6.00 0.42
C SER A 331 -10.73 4.85 -0.21
N ILE A 332 -10.36 3.86 0.61
CA ILE A 332 -9.66 2.66 0.17
C ILE A 332 -10.61 1.69 -0.52
N TYR A 333 -11.81 1.54 0.04
CA TYR A 333 -12.71 0.48 -0.40
C TYR A 333 -13.95 0.87 -1.20
N GLU A 334 -14.21 2.17 -1.40
CA GLU A 334 -15.49 2.57 -2.03
C GLU A 334 -15.75 1.90 -3.39
N PRO A 335 -14.76 1.92 -4.31
CA PRO A 335 -15.00 1.27 -5.60
C PRO A 335 -15.52 -0.17 -5.47
N ILE A 336 -14.88 -0.98 -4.64
CA ILE A 336 -15.28 -2.38 -4.49
C ILE A 336 -16.61 -2.49 -3.71
N LEU A 337 -16.77 -1.67 -2.67
CA LEU A 337 -18.03 -1.62 -1.94
C LEU A 337 -19.23 -1.24 -2.82
N ALA A 338 -19.06 -0.23 -3.68
CA ALA A 338 -20.14 0.21 -4.57
C ALA A 338 -20.49 -0.87 -5.57
N SER A 339 -19.50 -1.58 -6.11
CA SER A 339 -19.84 -2.60 -7.11
C SER A 339 -20.60 -3.78 -6.50
N HIS A 340 -20.26 -4.15 -5.26
CA HIS A 340 -20.94 -5.26 -4.60
C HIS A 340 -22.27 -4.89 -3.96
N PHE A 341 -22.28 -3.81 -3.18
CA PHE A 341 -23.42 -3.50 -2.33
C PHE A 341 -24.39 -2.46 -2.90
N GLY A 342 -23.92 -1.67 -3.88
CA GLY A 342 -24.62 -0.47 -4.34
C GLY A 342 -24.30 0.71 -3.45
N GLU A 343 -24.72 1.90 -3.86
CA GLU A 343 -24.38 3.16 -3.15
C GLU A 343 -25.22 3.52 -1.92
N ALA A 344 -26.38 2.90 -1.76
CA ALA A 344 -27.33 3.29 -0.70
C ALA A 344 -26.86 3.02 0.75
N ILE A 345 -26.01 2.01 0.94
CA ILE A 345 -25.55 1.66 2.30
C ILE A 345 -24.28 2.38 2.77
N LEU A 346 -23.57 3.01 1.84
CA LEU A 346 -22.28 3.66 2.16
C LEU A 346 -22.26 4.72 3.30
N PRO A 347 -23.29 5.59 3.39
CA PRO A 347 -23.35 6.47 4.57
C PRO A 347 -23.60 5.72 5.89
N ASP A 348 -24.44 4.68 5.86
CA ASP A 348 -24.61 3.83 7.03
C ASP A 348 -23.30 3.10 7.34
N LEU A 349 -22.63 2.64 6.30
CA LEU A 349 -21.33 1.99 6.48
C LEU A 349 -20.34 2.95 7.13
N SER A 350 -20.18 4.15 6.56
CA SER A 350 -19.26 5.14 7.16
C SER A 350 -19.60 5.41 8.63
N HIS A 351 -20.87 5.41 8.98
CA HIS A 351 -21.26 5.63 10.36
C HIS A 351 -20.84 4.49 11.31
N ARG A 352 -21.01 3.24 10.88
CA ARG A 352 -20.54 2.12 11.68
C ARG A 352 -19.00 2.02 11.78
N ILE A 353 -18.29 2.36 10.70
CA ILE A 353 -16.82 2.33 10.75
C ILE A 353 -16.29 3.32 11.80
N ALA A 354 -16.91 4.50 11.90
CA ALA A 354 -16.50 5.53 12.86
C ALA A 354 -16.75 5.05 14.29
N LYS A 355 -17.93 4.50 14.53
CA LYS A 355 -18.26 3.97 15.86
C LYS A 355 -17.28 2.88 16.29
N ASN A 356 -17.05 1.93 15.39
CA ASN A 356 -16.04 0.89 15.60
C ASN A 356 -14.61 1.41 15.80
N ALA A 357 -14.21 2.37 14.98
CA ALA A 357 -12.89 3.04 15.07
C ALA A 357 -12.63 3.66 16.45
N ALA A 358 -13.62 4.36 16.97
CA ALA A 358 -13.54 4.99 18.28
C ALA A 358 -13.40 3.99 19.41
N LYS A 359 -14.07 2.83 19.32
CA LYS A 359 -14.02 1.84 20.41
C LYS A 359 -12.62 1.22 20.42
N VAL A 360 -12.08 0.98 19.23
CA VAL A 360 -10.75 0.38 19.07
C VAL A 360 -9.65 1.29 19.65
N LEU A 361 -9.69 2.56 19.28
CA LEU A 361 -8.70 3.56 19.73
C LEU A 361 -8.71 3.70 21.25
N ARG A 362 -9.90 3.73 21.82
CA ARG A 362 -10.09 3.76 23.25
C ARG A 362 -9.50 2.57 24.01
N SER A 363 -9.55 1.37 23.42
CA SER A 363 -8.90 0.18 24.01
C SER A 363 -7.36 0.19 23.85
N GLY A 364 -6.82 1.09 22.97
CA GLY A 364 -5.36 1.20 22.78
C GLY A 364 -4.78 0.16 21.83
N LYS A 365 -5.63 -0.31 20.91
CA LYS A 365 -5.27 -1.30 19.88
C LYS A 365 -5.55 -0.76 18.47
N GLY A 366 -5.71 0.56 18.38
CA GLY A 366 -5.96 1.27 17.11
C GLY A 366 -4.74 1.58 16.27
N PHE A 367 -4.11 0.53 15.77
CA PHE A 367 -2.92 0.64 14.96
C PHE A 367 -3.08 -0.19 13.72
N TYR A 368 -2.63 0.37 12.60
CA TYR A 368 -2.42 -0.42 11.40
C TYR A 368 -1.03 -1.04 11.46
N ASP A 369 -0.96 -2.36 11.53
CA ASP A 369 0.32 -3.08 11.62
C ASP A 369 0.87 -3.23 10.20
N SER A 370 2.16 -2.90 10.05
CA SER A 370 2.81 -2.89 8.74
C SER A 370 4.21 -3.52 8.82
N VAL A 371 4.64 -4.14 7.73
CA VAL A 371 5.96 -4.69 7.60
C VAL A 371 6.70 -3.90 6.52
N ILE A 372 8.01 -3.77 6.70
CA ILE A 372 8.86 -3.13 5.73
C ILE A 372 10.04 -4.09 5.50
N ILE A 373 10.32 -4.37 4.22
CA ILE A 373 11.36 -5.34 3.83
C ILE A 373 12.23 -4.82 2.68
N SER A 374 13.54 -4.82 2.93
CA SER A 374 14.51 -4.38 1.97
C SER A 374 15.21 -5.59 1.34
N LEU A 375 15.16 -5.66 0.02
CA LEU A 375 15.67 -6.80 -0.74
C LEU A 375 16.76 -6.40 -1.72
N ALA A 376 17.85 -7.17 -1.77
CA ALA A 376 18.88 -7.03 -2.81
C ALA A 376 18.90 -8.24 -3.72
N LYS A 377 18.99 -8.01 -5.03
CA LYS A 377 19.13 -9.07 -6.05
C LYS A 377 20.44 -9.85 -5.89
N LYS A 378 20.33 -11.17 -5.73
CA LYS A 378 21.50 -12.03 -5.53
C LYS A 378 22.33 -12.12 -6.81
N PRO A 379 23.66 -12.24 -6.68
CA PRO A 379 24.42 -12.48 -7.91
C PRO A 379 24.04 -13.82 -8.56
N SAH B . 2.02 3.89 -2.57
CA SAH B . 0.92 4.90 -2.48
CB SAH B . -0.44 4.27 -2.79
CG SAH B . -0.89 3.13 -1.89
SD SAH B . -2.68 2.86 -2.06
C SAH B . 0.86 5.60 -1.12
O SAH B . 1.76 5.49 -0.29
OXT SAH B . -0.12 6.29 -0.86
C5' SAH B . -2.55 1.25 -2.87
C4' SAH B . -2.37 1.35 -4.37
O4' SAH B . -2.05 0.06 -4.79
C3' SAH B . -3.60 1.74 -5.20
O3' SAH B . -3.38 2.92 -5.95
C2' SAH B . -3.84 0.54 -6.12
O2' SAH B . -4.37 0.84 -7.40
C1' SAH B . -2.43 -0.04 -6.15
N9 SAH B . -2.39 -1.44 -6.62
C8 SAH B . -2.97 -2.55 -6.07
N7 SAH B . -2.69 -3.65 -6.81
C5 SAH B . -1.90 -3.25 -7.84
C6 SAH B . -1.30 -3.95 -8.90
N6 SAH B . -1.46 -5.27 -9.03
N1 SAH B . -0.52 -3.27 -9.80
C2 SAH B . -0.34 -1.90 -9.69
N3 SAH B . -0.94 -1.20 -8.64
C4 SAH B . -1.70 -1.87 -7.73
O6 37T C . -5.26 -0.43 5.46
O6 37T C . -3.42 3.72 2.12
C6 37T C . -4.88 0.12 4.42
C6 37T C . -3.83 2.56 2.26
N1 37T C . -4.80 -0.57 3.25
N1 37T C . -3.84 1.70 1.20
C5 37T C . -4.46 1.54 4.35
C5 37T C . -4.33 2.01 3.56
N7 37T C . -4.39 2.54 5.24
N7 37T C . -4.51 2.51 4.80
C13 37T C . -4.74 2.44 6.65
C13 37T C . -4.19 3.87 5.26
C8 37T C . -3.95 3.64 4.58
C8 37T C . -5.03 1.51 5.57
N9 37T C . -3.72 3.38 3.26
N9 37T C . -5.21 0.36 4.85
C4 37T C . -4.03 2.07 3.07
C4 37T C . -4.80 0.63 3.57
N3 37T C . -4.01 1.29 1.99
N3 37T C . -4.75 -0.12 2.47
C12 37T C . -3.57 1.85 0.71
C12 37T C . -5.23 -1.51 2.51
C2 37T C . -4.38 0.00 2.08
C2 37T C . -4.28 0.41 1.30
O2 37T C . -4.36 -0.71 1.05
O2 37T C . -4.24 -0.29 0.27
#